data_5BVS
#
_entry.id   5BVS
#
_cell.length_a   60.487
_cell.length_b   60.487
_cell.length_c   139.569
_cell.angle_alpha   90.00
_cell.angle_beta   90.00
_cell.angle_gamma   120.00
#
_symmetry.space_group_name_H-M   'P 61'
#
loop_
_entity.id
_entity.type
_entity.pdbx_description
1 polymer 'Fatty acid-binding protein'
2 non-polymer 'LINOLEIC ACID'
3 water water
#
_entity_poly.entity_id   1
_entity_poly.type   'polypeptide(L)'
_entity_poly.pdbx_seq_one_letter_code
;MCDQFVGTWKFLSSENFEDYMKELGVGFATRKMAGVAKPNVTISINGDVITIKTESTFKNTEVSFRLGEEFDETTADDRK
TKNVITLDNGILNQVQKWDGKETVIKRKVMDGNLVVECTMNTVTSKRVYERA
;
_entity_poly.pdbx_strand_id   A,B
#
loop_
_chem_comp.id
_chem_comp.type
_chem_comp.name
_chem_comp.formula
EIC non-polymer 'LINOLEIC ACID' 'C18 H32 O2'
#
# COMPACT_ATOMS: atom_id res chain seq x y z
N MET A 1 -5.75 -0.04 19.33
CA MET A 1 -5.02 1.22 18.97
C MET A 1 -3.88 1.55 19.96
N CYS A 2 -3.27 0.51 20.53
CA CYS A 2 -1.93 0.61 21.12
C CYS A 2 -0.94 0.25 20.04
N ASP A 3 -1.44 0.06 18.84
CA ASP A 3 -0.62 -0.36 17.71
C ASP A 3 -0.07 0.92 17.01
N GLN A 4 1.02 1.44 17.64
CA GLN A 4 1.82 2.67 17.41
C GLN A 4 3.35 2.36 16.99
N PHE A 5 4.07 3.34 16.47
CA PHE A 5 5.43 3.15 15.96
C PHE A 5 6.47 2.73 16.94
N VAL A 6 6.40 3.32 18.11
CA VAL A 6 7.39 3.10 19.15
C VAL A 6 7.50 1.64 19.42
N GLY A 7 8.72 1.16 19.43
CA GLY A 7 8.97 -0.32 19.46
C GLY A 7 10.13 -0.86 18.63
N THR A 8 10.30 -2.19 18.69
CA THR A 8 11.23 -2.95 17.92
C THR A 8 10.46 -3.89 17.06
N TRP A 9 10.89 -4.03 15.79
CA TRP A 9 10.14 -4.84 14.85
C TRP A 9 11.07 -5.84 14.10
N LYS A 10 10.61 -7.07 13.74
CA LYS A 10 11.54 -8.05 13.22
C LYS A 10 11.04 -8.32 11.85
N PHE A 11 11.95 -8.35 10.89
CA PHE A 11 11.54 -8.55 9.47
C PHE A 11 10.74 -9.80 9.30
N LEU A 12 9.70 -9.76 8.49
CA LEU A 12 8.96 -10.93 8.26
C LEU A 12 8.94 -11.35 6.82
N SER A 13 8.79 -10.41 5.91
CA SER A 13 8.60 -10.73 4.54
C SER A 13 8.87 -9.51 3.65
N SER A 14 8.92 -9.72 2.31
CA SER A 14 9.40 -8.73 1.40
C SER A 14 8.78 -9.03 0.04
N GLU A 15 8.59 -8.03 -0.78
CA GLU A 15 8.02 -8.29 -2.06
C GLU A 15 8.64 -7.24 -2.96
N ASN A 16 9.34 -7.71 -3.97
CA ASN A 16 9.73 -6.85 -5.07
C ASN A 16 10.88 -5.95 -4.75
N PHE A 17 11.60 -6.31 -3.69
CA PHE A 17 12.63 -5.41 -3.12
C PHE A 17 13.88 -5.35 -4.02
N GLU A 18 14.16 -6.51 -4.64
CA GLU A 18 15.18 -6.62 -5.70
C GLU A 18 15.06 -5.51 -6.82
N ASP A 19 13.92 -5.37 -7.41
CA ASP A 19 13.73 -4.40 -8.48
C ASP A 19 13.63 -3.01 -7.92
N TYR A 20 13.15 -2.84 -6.65
CA TYR A 20 13.21 -1.51 -6.09
C TYR A 20 14.63 -1.08 -5.93
N MET A 21 15.45 -1.92 -5.34
CA MET A 21 16.85 -1.52 -5.25
C MET A 21 17.54 -1.30 -6.63
N LYS A 22 17.24 -2.11 -7.61
CA LYS A 22 17.81 -1.92 -8.98
C LYS A 22 17.46 -0.52 -9.40
N GLU A 23 16.21 -0.14 -9.23
CA GLU A 23 15.79 1.20 -9.54
C GLU A 23 16.54 2.34 -8.78
N LEU A 24 16.78 2.13 -7.48
CA LEU A 24 17.60 3.06 -6.75
C LEU A 24 18.96 3.15 -7.33
N GLY A 25 19.49 2.08 -7.93
CA GLY A 25 20.87 2.14 -8.46
C GLY A 25 21.86 1.46 -7.57
N VAL A 26 21.41 0.50 -6.75
CA VAL A 26 22.25 -0.14 -5.81
C VAL A 26 22.96 -1.24 -6.58
N GLY A 27 24.20 -1.50 -6.22
CA GLY A 27 25.07 -2.47 -6.84
C GLY A 27 24.65 -3.90 -6.55
N PHE A 28 25.04 -4.73 -7.50
CA PHE A 28 24.68 -6.11 -7.56
C PHE A 28 25.00 -6.78 -6.26
N ALA A 29 26.12 -6.42 -5.66
CA ALA A 29 26.56 -7.10 -4.50
C ALA A 29 25.84 -6.67 -3.24
N THR A 30 25.70 -5.35 -3.11
CA THR A 30 24.92 -4.79 -2.02
C THR A 30 23.51 -5.24 -2.08
N ARG A 31 22.95 -5.46 -3.26
CA ARG A 31 21.62 -6.02 -3.36
C ARG A 31 21.56 -7.39 -2.81
N LYS A 32 22.66 -8.13 -2.98
CA LYS A 32 22.71 -9.50 -2.50
C LYS A 32 22.63 -9.48 -0.99
N MET A 33 23.42 -8.67 -0.39
CA MET A 33 23.43 -8.65 1.03
C MET A 33 22.02 -8.18 1.58
N ALA A 34 21.45 -7.16 0.98
CA ALA A 34 20.12 -6.62 1.43
C ALA A 34 19.07 -7.66 1.29
N GLY A 35 19.07 -8.49 0.26
CA GLY A 35 18.02 -9.49 0.16
C GLY A 35 18.10 -10.68 1.09
N VAL A 36 19.26 -10.97 1.68
CA VAL A 36 19.35 -12.06 2.67
C VAL A 36 19.13 -11.54 4.07
N ALA A 37 19.44 -10.28 4.35
CA ALA A 37 19.31 -9.70 5.67
C ALA A 37 17.80 -9.75 6.14
N LYS A 38 17.66 -9.88 7.44
CA LYS A 38 16.37 -9.96 8.09
C LYS A 38 16.47 -8.91 9.16
N PRO A 39 16.53 -7.62 8.80
CA PRO A 39 16.67 -6.52 9.73
C PRO A 39 15.60 -6.46 10.90
N ASN A 40 16.08 -5.84 11.96
CA ASN A 40 15.29 -5.40 13.06
C ASN A 40 15.30 -3.87 13.03
N VAL A 41 14.16 -3.20 13.18
CA VAL A 41 14.10 -1.76 13.14
C VAL A 41 13.53 -1.33 14.49
N THR A 42 14.18 -0.42 15.15
CA THR A 42 13.71 0.08 16.41
C THR A 42 13.48 1.62 16.28
N ILE A 43 12.28 2.07 16.61
CA ILE A 43 11.86 3.43 16.47
C ILE A 43 11.65 3.86 17.85
N SER A 44 12.29 4.96 18.21
CA SER A 44 12.06 5.52 19.40
C SER A 44 11.76 7.04 19.26
N ILE A 45 11.18 7.58 20.33
CA ILE A 45 10.88 8.99 20.46
C ILE A 45 11.37 9.65 21.66
N ASN A 46 12.06 10.76 21.46
CA ASN A 46 12.47 11.60 22.63
C ASN A 46 12.17 13.06 22.41
N GLY A 47 11.16 13.58 23.11
CA GLY A 47 10.65 14.96 22.85
C GLY A 47 10.01 15.02 21.45
N ASP A 48 10.49 15.89 20.57
CA ASP A 48 9.92 15.82 19.21
C ASP A 48 10.93 15.21 18.21
N VAL A 49 11.87 14.41 18.72
CA VAL A 49 12.90 13.74 17.86
C VAL A 49 12.61 12.24 17.74
N ILE A 50 12.36 11.79 16.52
CA ILE A 50 12.21 10.40 16.16
C ILE A 50 13.60 9.79 15.75
N THR A 51 13.88 8.57 16.22
CA THR A 51 15.16 7.87 15.93
C THR A 51 14.79 6.55 15.38
N ILE A 52 15.20 6.25 14.13
CA ILE A 52 14.96 4.98 13.51
C ILE A 52 16.31 4.28 13.47
N LYS A 53 16.36 3.12 14.09
CA LYS A 53 17.58 2.41 14.29
C LYS A 53 17.40 1.11 13.51
N THR A 54 18.20 0.84 12.49
CA THR A 54 18.02 -0.39 11.71
C THR A 54 19.22 -1.31 11.97
N GLU A 55 18.93 -2.51 12.48
CA GLU A 55 19.88 -3.45 13.02
C GLU A 55 19.71 -4.80 12.45
N SER A 56 20.64 -5.71 12.82
CA SER A 56 20.71 -7.00 12.18
C SER A 56 20.73 -6.97 10.70
N THR A 57 21.58 -6.16 10.13
CA THR A 57 21.64 -6.16 8.71
C THR A 57 23.18 -5.95 8.35
N PHE A 58 23.44 -5.62 7.09
CA PHE A 58 24.82 -5.77 6.60
C PHE A 58 25.54 -4.55 7.00
N LYS A 59 24.76 -3.48 7.19
CA LYS A 59 25.34 -2.24 7.71
C LYS A 59 24.30 -1.52 8.61
N ASN A 60 24.55 -1.42 9.88
CA ASN A 60 23.58 -0.87 10.78
C ASN A 60 23.48 0.64 10.60
N THR A 61 22.30 1.19 10.66
CA THR A 61 22.13 2.65 10.62
C THR A 61 21.30 3.24 11.78
N GLU A 62 21.37 4.52 11.85
CA GLU A 62 20.59 5.22 12.85
C GLU A 62 20.37 6.69 12.41
N VAL A 63 19.12 7.13 12.33
CA VAL A 63 18.71 8.38 11.78
C VAL A 63 17.75 8.99 12.79
N SER A 64 17.96 10.23 13.12
CA SER A 64 17.17 11.01 14.09
C SER A 64 16.69 12.27 13.35
N PHE A 65 15.41 12.58 13.43
CA PHE A 65 14.90 13.70 12.79
C PHE A 65 13.79 14.33 13.58
N ARG A 66 13.37 15.55 13.16
CA ARG A 66 12.01 16.12 13.53
C ARG A 66 11.15 16.14 12.28
N LEU A 67 9.88 15.90 12.45
CA LEU A 67 8.98 15.85 11.40
C LEU A 67 8.96 17.20 10.75
N GLY A 68 8.90 17.21 9.40
CA GLY A 68 8.89 18.47 8.62
C GLY A 68 10.23 19.22 8.45
N GLU A 69 11.31 18.69 8.94
CA GLU A 69 12.53 19.43 9.02
C GLU A 69 13.63 18.64 8.27
N GLU A 70 14.13 19.28 7.22
CA GLU A 70 15.07 18.69 6.34
C GLU A 70 16.29 18.10 7.03
N PHE A 71 16.61 16.83 6.72
CA PHE A 71 17.87 16.29 7.24
C PHE A 71 18.68 15.58 6.15
N ASP A 72 19.96 15.57 6.43
CA ASP A 72 20.98 14.83 5.66
C ASP A 72 21.20 13.44 6.13
N GLU A 73 21.44 12.55 5.18
CA GLU A 73 21.71 11.14 5.53
C GLU A 73 22.58 10.44 4.48
N THR A 74 23.58 9.73 4.97
CA THR A 74 24.30 8.83 4.09
C THR A 74 23.66 7.49 4.25
N THR A 75 23.08 6.95 3.19
CA THR A 75 22.37 5.70 3.36
C THR A 75 23.32 4.46 3.49
N ALA A 76 22.74 3.29 3.68
CA ALA A 76 23.49 2.03 3.86
C ALA A 76 24.21 1.65 2.55
N ASP A 77 23.62 2.05 1.41
CA ASP A 77 24.20 1.83 0.10
C ASP A 77 25.02 3.05 -0.39
N ASP A 78 25.33 3.96 0.53
CA ASP A 78 26.23 5.10 0.38
C ASP A 78 25.80 6.25 -0.54
N ARG A 79 24.49 6.53 -0.60
CA ARG A 79 24.00 7.78 -1.19
C ARG A 79 23.95 8.96 -0.20
N LYS A 80 24.14 10.18 -0.70
CA LYS A 80 24.25 11.34 0.15
C LYS A 80 22.92 12.03 -0.04
N THR A 81 21.99 11.81 0.89
CA THR A 81 20.62 12.22 0.61
C THR A 81 20.20 13.40 1.38
N LYS A 82 19.13 14.01 0.88
CA LYS A 82 18.34 14.98 1.63
C LYS A 82 16.99 14.35 1.91
N ASN A 83 16.42 14.65 3.10
CA ASN A 83 15.19 14.02 3.50
C ASN A 83 14.25 14.89 4.28
N VAL A 84 12.97 14.61 4.09
CA VAL A 84 11.93 15.25 4.85
C VAL A 84 10.97 14.14 5.20
N ILE A 85 10.75 13.94 6.51
CA ILE A 85 9.69 13.06 7.00
C ILE A 85 8.52 13.87 7.66
N THR A 86 7.28 13.51 7.37
CA THR A 86 6.11 14.12 7.90
C THR A 86 5.24 12.95 8.29
N LEU A 87 4.14 13.19 8.95
CA LEU A 87 3.29 12.14 9.41
C LEU A 87 1.91 12.50 9.00
N ASP A 88 1.11 11.56 8.50
CA ASP A 88 -0.28 11.77 8.28
C ASP A 88 -1.15 10.52 8.43
N ASN A 89 -2.23 10.64 9.21
CA ASN A 89 -3.04 9.47 9.65
C ASN A 89 -2.28 8.18 10.01
N GLY A 90 -1.28 8.31 10.85
CA GLY A 90 -0.55 7.19 11.31
C GLY A 90 0.60 6.75 10.38
N ILE A 91 0.76 7.38 9.21
CA ILE A 91 1.76 6.98 8.23
C ILE A 91 2.87 7.95 8.19
N LEU A 92 4.11 7.52 8.44
CA LEU A 92 5.29 8.39 8.34
C LEU A 92 5.69 8.44 6.82
N ASN A 93 5.71 9.58 6.19
CA ASN A 93 6.08 9.70 4.76
C ASN A 93 7.45 10.34 4.68
N GLN A 94 8.43 9.56 4.19
CA GLN A 94 9.79 10.02 4.04
C GLN A 94 10.13 10.27 2.50
N VAL A 95 10.46 11.49 2.15
CA VAL A 95 10.86 11.87 0.71
C VAL A 95 12.37 12.08 0.77
N GLN A 96 13.11 11.21 0.12
CA GLN A 96 14.53 11.18 0.16
C GLN A 96 15.06 11.57 -1.29
N LYS A 97 15.94 12.54 -1.35
CA LYS A 97 16.34 13.17 -2.66
C LYS A 97 17.87 13.07 -2.71
N TRP A 98 18.41 12.66 -3.85
CA TRP A 98 19.85 12.79 -4.07
C TRP A 98 20.05 12.87 -5.61
N ASP A 99 21.03 13.67 -6.05
CA ASP A 99 21.40 13.85 -7.48
C ASP A 99 20.26 13.86 -8.48
N GLY A 100 19.29 14.75 -8.29
CA GLY A 100 18.15 14.81 -9.19
C GLY A 100 17.09 13.76 -9.03
N LYS A 101 17.24 12.79 -8.12
CA LYS A 101 16.35 11.65 -8.06
C LYS A 101 15.57 11.53 -6.74
N GLU A 102 14.51 10.72 -6.68
CA GLU A 102 13.73 10.81 -5.45
C GLU A 102 13.12 9.48 -5.22
N THR A 103 13.11 9.04 -3.96
CA THR A 103 12.36 7.93 -3.49
C THR A 103 11.51 8.29 -2.23
N VAL A 104 10.39 7.62 -2.14
CA VAL A 104 9.40 7.92 -1.14
C VAL A 104 9.25 6.57 -0.35
N ILE A 105 9.51 6.60 0.94
CA ILE A 105 9.41 5.39 1.85
C ILE A 105 8.27 5.73 2.86
N LYS A 106 7.23 4.98 2.85
CA LYS A 106 6.19 5.13 3.73
C LYS A 106 6.16 3.98 4.80
N ARG A 107 5.91 4.34 6.03
CA ARG A 107 5.83 3.34 7.12
C ARG A 107 4.43 3.50 7.91
N LYS A 108 3.71 2.44 8.14
CA LYS A 108 2.41 2.42 8.83
C LYS A 108 2.32 1.13 9.73
N VAL A 109 1.90 1.30 10.97
CA VAL A 109 1.58 0.17 11.85
C VAL A 109 0.21 -0.42 11.63
N MET A 110 0.16 -1.71 11.28
CA MET A 110 -1.06 -2.55 11.10
C MET A 110 -1.04 -3.75 12.11
N ASP A 111 -1.76 -3.58 13.21
CA ASP A 111 -1.87 -4.64 14.25
C ASP A 111 -0.50 -5.24 14.62
N GLY A 112 0.41 -4.50 15.25
CA GLY A 112 1.80 -5.07 15.36
C GLY A 112 2.43 -5.72 14.08
N ASN A 113 2.04 -5.25 12.90
CA ASN A 113 2.96 -5.30 11.70
C ASN A 113 3.32 -3.90 11.34
N LEU A 114 4.60 -3.69 11.08
CA LEU A 114 5.05 -2.48 10.48
C LEU A 114 5.18 -2.79 9.02
N VAL A 115 4.49 -2.01 8.18
CA VAL A 115 4.47 -2.17 6.76
C VAL A 115 5.17 -0.95 6.19
N VAL A 116 6.25 -1.19 5.47
CA VAL A 116 7.13 -0.15 4.88
C VAL A 116 7.03 -0.34 3.38
N GLU A 117 6.53 0.65 2.70
CA GLU A 117 6.40 0.60 1.25
C GLU A 117 7.26 1.66 0.64
N CYS A 118 8.11 1.23 -0.29
CA CYS A 118 9.10 2.11 -0.90
C CYS A 118 8.76 2.15 -2.38
N THR A 119 8.81 3.34 -2.89
CA THR A 119 8.48 3.60 -4.28
C THR A 119 9.56 4.49 -4.83
N MET A 120 10.06 4.10 -5.99
CA MET A 120 10.78 5.05 -6.78
C MET A 120 10.36 4.94 -8.26
N ASN A 121 10.16 6.07 -8.92
CA ASN A 121 9.50 6.02 -10.21
C ASN A 121 8.32 5.04 -10.24
N THR A 122 8.52 3.94 -10.94
CA THR A 122 7.46 3.05 -11.35
C THR A 122 7.32 1.90 -10.31
N VAL A 123 8.35 1.74 -9.47
CA VAL A 123 8.60 0.53 -8.78
C VAL A 123 8.33 0.65 -7.27
N THR A 124 7.59 -0.33 -6.80
CA THR A 124 7.25 -0.44 -5.41
C THR A 124 7.69 -1.73 -4.75
N SER A 125 8.25 -1.62 -3.56
CA SER A 125 8.40 -2.79 -2.73
C SER A 125 7.61 -2.68 -1.42
N LYS A 126 7.27 -3.81 -0.80
CA LYS A 126 6.56 -3.82 0.48
C LYS A 126 7.45 -4.69 1.35
N ARG A 127 7.74 -4.26 2.56
CA ARG A 127 8.35 -5.08 3.54
C ARG A 127 7.51 -5.04 4.74
N VAL A 128 7.45 -6.19 5.42
CA VAL A 128 6.60 -6.37 6.60
C VAL A 128 7.47 -6.89 7.67
N TYR A 129 7.45 -6.18 8.79
CA TYR A 129 8.02 -6.62 10.05
C TYR A 129 6.91 -6.94 11.11
N GLU A 130 7.26 -7.63 12.18
CA GLU A 130 6.42 -7.93 13.21
C GLU A 130 7.02 -7.49 14.53
N ARG A 131 6.12 -7.15 15.40
CA ARG A 131 6.52 -6.57 16.63
C ARG A 131 7.27 -7.62 17.38
N ALA A 132 8.53 -7.34 17.63
CA ALA A 132 9.37 -8.19 18.41
C ALA A 132 8.78 -8.02 19.81
N MET B 1 2.81 8.71 -17.48
CA MET B 1 1.68 9.69 -17.56
C MET B 1 0.53 9.20 -18.42
N CYS B 2 0.74 8.18 -19.25
CA CYS B 2 -0.37 7.54 -19.99
C CYS B 2 -1.04 6.51 -19.12
N ASP B 3 -0.34 6.11 -18.06
CA ASP B 3 -0.78 5.05 -17.16
C ASP B 3 -1.83 5.61 -16.16
N GLN B 4 -3.08 5.76 -16.66
CA GLN B 4 -4.30 6.23 -15.98
C GLN B 4 -5.37 5.07 -15.82
N PHE B 5 -6.45 5.32 -15.09
CA PHE B 5 -7.44 4.29 -14.74
C PHE B 5 -8.24 3.78 -15.90
N VAL B 6 -8.63 4.65 -16.83
CA VAL B 6 -9.52 4.25 -17.96
C VAL B 6 -8.93 3.09 -18.69
N GLY B 7 -9.75 2.09 -18.97
CA GLY B 7 -9.18 0.78 -19.51
C GLY B 7 -9.64 -0.53 -18.79
N THR B 8 -9.06 -1.67 -19.18
CA THR B 8 -9.54 -2.98 -18.76
C THR B 8 -8.38 -3.61 -18.14
N TRP B 9 -8.64 -4.31 -17.05
CA TRP B 9 -7.53 -4.86 -16.31
C TRP B 9 -7.80 -6.33 -15.93
N LYS B 10 -6.77 -7.19 -16.04
CA LYS B 10 -6.95 -8.61 -15.77
C LYS B 10 -6.25 -8.95 -14.53
N PHE B 11 -6.90 -9.70 -13.67
CA PHE B 11 -6.25 -10.20 -12.39
C PHE B 11 -4.94 -10.85 -12.53
N LEU B 12 -3.99 -10.48 -11.71
CA LEU B 12 -2.67 -11.06 -11.73
C LEU B 12 -2.41 -11.84 -10.43
N SER B 13 -2.70 -11.22 -9.29
CA SER B 13 -2.39 -11.78 -7.98
C SER B 13 -3.19 -11.13 -6.75
N SER B 14 -3.29 -11.87 -5.62
CA SER B 14 -3.84 -11.35 -4.36
C SER B 14 -3.03 -11.78 -3.18
N GLU B 15 -3.15 -11.01 -2.12
CA GLU B 15 -2.45 -11.33 -0.93
C GLU B 15 -3.45 -11.02 0.13
N ASN B 16 -3.70 -12.01 0.93
CA ASN B 16 -4.48 -11.89 2.11
C ASN B 16 -5.93 -11.66 1.90
N PHE B 17 -6.43 -12.04 0.73
CA PHE B 17 -7.84 -11.70 0.40
C PHE B 17 -8.85 -12.48 1.23
N GLU B 18 -8.59 -13.79 1.38
CA GLU B 18 -9.25 -14.65 2.39
C GLU B 18 -9.62 -13.97 3.80
N ASP B 19 -8.67 -13.47 4.52
CA ASP B 19 -8.94 -12.86 5.82
C ASP B 19 -9.63 -11.55 5.71
N TYR B 20 -9.37 -10.82 4.59
CA TYR B 20 -10.12 -9.60 4.37
C TYR B 20 -11.59 -9.93 4.22
N MET B 21 -11.91 -10.89 3.38
CA MET B 21 -13.33 -11.25 3.23
C MET B 21 -14.00 -11.84 4.58
N LYS B 22 -13.35 -12.74 5.25
CA LYS B 22 -13.78 -13.09 6.66
C LYS B 22 -14.08 -11.85 7.54
N GLU B 23 -13.26 -10.82 7.49
CA GLU B 23 -13.51 -9.59 8.22
C GLU B 23 -14.74 -8.84 7.78
N LEU B 24 -14.97 -8.76 6.45
CA LEU B 24 -16.19 -8.22 5.91
C LEU B 24 -17.39 -8.95 6.34
N GLY B 25 -17.22 -10.21 6.72
CA GLY B 25 -18.31 -11.12 7.13
C GLY B 25 -18.85 -12.00 6.03
N VAL B 26 -18.06 -12.24 4.97
CA VAL B 26 -18.56 -12.90 3.81
C VAL B 26 -18.61 -14.40 4.12
N GLY B 27 -19.63 -15.06 3.57
CA GLY B 27 -19.85 -16.48 3.70
C GLY B 27 -18.82 -17.38 3.06
N PHE B 28 -18.84 -18.58 3.61
CA PHE B 28 -17.86 -19.60 3.34
C PHE B 28 -17.74 -19.87 1.89
N ALA B 29 -18.87 -19.99 1.21
CA ALA B 29 -18.91 -20.43 -0.15
C ALA B 29 -18.72 -19.28 -1.14
N THR B 30 -19.15 -18.09 -0.70
CA THR B 30 -18.82 -16.88 -1.38
C THR B 30 -17.35 -16.64 -1.32
N ARG B 31 -16.69 -16.90 -0.19
CA ARG B 31 -15.27 -16.74 -0.17
C ARG B 31 -14.54 -17.66 -1.02
N LYS B 32 -15.01 -18.91 -1.08
CA LYS B 32 -14.44 -19.87 -2.00
C LYS B 32 -14.62 -19.43 -3.46
N MET B 33 -15.74 -18.95 -3.84
CA MET B 33 -15.90 -18.53 -5.23
C MET B 33 -15.03 -17.30 -5.54
N ALA B 34 -15.21 -16.26 -4.76
CA ALA B 34 -14.31 -15.06 -4.79
C ALA B 34 -12.87 -15.43 -4.83
N GLY B 35 -12.40 -16.42 -4.10
CA GLY B 35 -10.92 -16.68 -4.19
C GLY B 35 -10.39 -17.48 -5.39
N VAL B 36 -11.28 -18.16 -6.12
CA VAL B 36 -10.87 -18.84 -7.36
C VAL B 36 -11.00 -17.90 -8.56
N ALA B 37 -11.86 -16.91 -8.48
CA ALA B 37 -12.15 -15.99 -9.58
C ALA B 37 -10.90 -15.14 -9.98
N LYS B 38 -10.86 -14.81 -11.25
CA LYS B 38 -9.72 -14.03 -11.86
C LYS B 38 -10.41 -12.91 -12.61
N PRO B 39 -11.02 -12.00 -11.87
CA PRO B 39 -11.81 -10.95 -12.44
C PRO B 39 -11.07 -10.00 -13.45
N ASN B 40 -11.87 -9.44 -14.34
CA ASN B 40 -11.51 -8.35 -15.23
C ASN B 40 -12.27 -7.10 -14.79
N VAL B 41 -11.57 -5.99 -14.54
CA VAL B 41 -12.20 -4.74 -14.16
C VAL B 41 -12.10 -3.77 -15.28
N THR B 42 -13.19 -3.19 -15.66
CA THR B 42 -13.11 -2.20 -16.72
C THR B 42 -13.57 -0.84 -16.10
N ILE B 43 -12.74 0.22 -16.18
CA ILE B 43 -13.08 1.52 -15.69
C ILE B 43 -13.34 2.39 -16.85
N SER B 44 -14.52 3.04 -16.88
CA SER B 44 -14.76 3.99 -17.89
C SER B 44 -15.27 5.33 -17.35
N ILE B 45 -15.05 6.37 -18.13
CA ILE B 45 -15.60 7.77 -17.81
C ILE B 45 -16.45 8.33 -18.86
N ASN B 46 -17.61 8.85 -18.47
CA ASN B 46 -18.42 9.57 -19.45
C ASN B 46 -18.72 10.84 -18.74
N GLY B 47 -18.16 11.99 -19.14
CA GLY B 47 -18.49 13.26 -18.41
C GLY B 47 -17.82 13.34 -17.01
N ASP B 48 -18.56 13.67 -15.95
CA ASP B 48 -18.00 13.53 -14.60
C ASP B 48 -18.50 12.21 -13.95
N VAL B 49 -18.95 11.23 -14.75
CA VAL B 49 -19.44 9.90 -14.25
C VAL B 49 -18.43 8.77 -14.53
N ILE B 50 -17.94 8.13 -13.46
CA ILE B 50 -17.05 7.01 -13.51
C ILE B 50 -17.87 5.73 -13.42
N THR B 51 -17.58 4.78 -14.33
CA THR B 51 -18.21 3.44 -14.24
C THR B 51 -17.19 2.40 -14.02
N ILE B 52 -17.33 1.59 -12.95
CA ILE B 52 -16.47 0.47 -12.69
C ILE B 52 -17.26 -0.83 -12.94
N LYS B 53 -16.78 -1.61 -13.87
CA LYS B 53 -17.41 -2.84 -14.31
C LYS B 53 -16.50 -4.03 -13.91
N THR B 54 -16.95 -4.89 -12.98
CA THR B 54 -16.25 -6.07 -12.63
C THR B 54 -16.83 -7.30 -13.34
N GLU B 55 -16.01 -7.97 -14.18
CA GLU B 55 -16.44 -9.14 -14.96
C GLU B 55 -15.56 -10.30 -14.78
N SER B 56 -15.92 -11.43 -15.43
CA SER B 56 -15.19 -12.70 -15.21
C SER B 56 -15.10 -13.05 -13.78
N THR B 57 -16.22 -12.98 -13.11
CA THR B 57 -16.24 -13.33 -11.72
C THR B 57 -17.62 -14.10 -11.48
N PHE B 58 -17.94 -14.37 -10.19
CA PHE B 58 -19.04 -15.30 -9.83
C PHE B 58 -20.33 -14.55 -10.01
N LYS B 59 -20.17 -13.22 -10.02
CA LYS B 59 -21.34 -12.33 -9.99
C LYS B 59 -20.87 -10.98 -10.56
N ASN B 60 -21.26 -10.66 -11.76
CA ASN B 60 -20.74 -9.48 -12.39
C ASN B 60 -21.33 -8.24 -11.74
N THR B 61 -20.55 -7.17 -11.58
CA THR B 61 -21.12 -5.91 -11.07
C THR B 61 -20.84 -4.70 -11.93
N GLU B 62 -21.64 -3.70 -11.68
CA GLU B 62 -21.43 -2.41 -12.39
C GLU B 62 -21.84 -1.23 -11.51
N VAL B 63 -20.94 -0.30 -11.17
CA VAL B 63 -21.33 0.88 -10.41
C VAL B 63 -20.83 2.16 -11.07
N SER B 64 -21.67 3.15 -11.09
CA SER B 64 -21.45 4.39 -11.82
C SER B 64 -21.56 5.41 -10.72
N PHE B 65 -20.62 6.36 -10.60
CA PHE B 65 -20.72 7.34 -9.58
C PHE B 65 -20.05 8.64 -9.99
N ARG B 66 -20.28 9.71 -9.20
CA ARG B 66 -19.46 10.95 -9.30
C ARG B 66 -18.69 11.11 -8.04
N LEU B 67 -17.46 11.57 -8.18
CA LEU B 67 -16.58 11.71 -7.12
C LEU B 67 -17.13 12.63 -6.04
N GLY B 68 -17.01 12.26 -4.77
CA GLY B 68 -17.58 13.08 -3.65
C GLY B 68 -19.11 12.94 -3.38
N GLU B 69 -19.86 12.23 -4.18
CA GLU B 69 -21.29 12.17 -4.05
C GLU B 69 -21.80 10.77 -3.57
N GLU B 70 -22.40 10.75 -2.37
CA GLU B 70 -22.98 9.51 -1.82
C GLU B 70 -23.72 8.63 -2.81
N PHE B 71 -23.44 7.32 -2.84
CA PHE B 71 -24.28 6.44 -3.66
C PHE B 71 -24.47 5.12 -2.95
N ASP B 72 -25.62 4.51 -3.27
CA ASP B 72 -26.00 3.18 -2.84
C ASP B 72 -25.57 2.08 -3.72
N GLU B 73 -25.19 0.95 -3.13
CA GLU B 73 -24.67 -0.24 -3.87
C GLU B 73 -25.02 -1.53 -3.10
N THR B 74 -25.71 -2.44 -3.76
CA THR B 74 -25.76 -3.81 -3.28
C THR B 74 -24.53 -4.59 -3.80
N THR B 75 -23.70 -5.04 -2.87
CA THR B 75 -22.46 -5.61 -3.33
C THR B 75 -22.67 -7.09 -3.79
N ALA B 76 -21.58 -7.68 -4.29
CA ALA B 76 -21.51 -9.07 -4.84
C ALA B 76 -21.92 -10.03 -3.72
N ASP B 77 -21.43 -9.82 -2.51
CA ASP B 77 -21.76 -10.71 -1.41
C ASP B 77 -23.04 -10.20 -0.70
N ASP B 78 -23.84 -9.41 -1.41
CA ASP B 78 -25.17 -8.96 -1.04
C ASP B 78 -25.34 -8.04 0.16
N ARG B 79 -24.29 -7.28 0.51
CA ARG B 79 -24.46 -6.11 1.44
C ARG B 79 -25.10 -4.83 0.89
N LYS B 80 -25.80 -4.08 1.77
CA LYS B 80 -26.57 -2.90 1.29
C LYS B 80 -25.77 -1.71 1.77
N THR B 81 -24.97 -1.11 0.87
CA THR B 81 -23.98 -0.14 1.29
C THR B 81 -24.30 1.20 0.80
N LYS B 82 -23.84 2.14 1.60
CA LYS B 82 -23.55 3.54 1.24
C LYS B 82 -22.05 3.79 0.97
N ASN B 83 -21.77 4.61 -0.07
CA ASN B 83 -20.41 4.82 -0.60
C ASN B 83 -20.12 6.26 -1.05
N VAL B 84 -18.89 6.65 -0.82
CA VAL B 84 -18.35 7.93 -1.28
C VAL B 84 -16.99 7.58 -1.80
N ILE B 85 -16.77 7.82 -3.09
CA ILE B 85 -15.48 7.73 -3.69
C ILE B 85 -14.92 9.16 -3.99
N THR B 86 -13.65 9.43 -3.62
CA THR B 86 -12.92 10.66 -3.99
C THR B 86 -11.61 10.21 -4.63
N LEU B 87 -10.83 11.16 -5.06
CA LEU B 87 -9.66 10.97 -5.86
C LEU B 87 -8.66 11.86 -5.23
N ASP B 88 -7.46 11.34 -4.98
CA ASP B 88 -6.40 12.20 -4.52
C ASP B 88 -5.11 11.61 -4.97
N ASN B 89 -4.26 12.44 -5.61
CA ASN B 89 -2.98 12.05 -6.22
C ASN B 89 -3.00 10.76 -7.02
N GLY B 90 -4.04 10.62 -7.85
CA GLY B 90 -4.17 9.44 -8.69
C GLY B 90 -4.68 8.18 -7.97
N ILE B 91 -5.04 8.24 -6.67
CA ILE B 91 -5.63 7.16 -5.93
C ILE B 91 -7.07 7.38 -5.76
N LEU B 92 -7.92 6.49 -6.33
CA LEU B 92 -9.38 6.53 -6.07
C LEU B 92 -9.59 5.95 -4.60
N ASN B 93 -10.26 6.66 -3.71
CA ASN B 93 -10.40 6.22 -2.30
C ASN B 93 -11.87 5.98 -2.08
N GLN B 94 -12.30 4.72 -1.90
CA GLN B 94 -13.72 4.41 -1.69
C GLN B 94 -14.04 4.02 -0.22
N VAL B 95 -14.96 4.72 0.39
CA VAL B 95 -15.32 4.44 1.85
C VAL B 95 -16.71 3.90 1.76
N GLN B 96 -16.86 2.60 1.99
CA GLN B 96 -18.09 1.93 1.91
C GLN B 96 -18.66 1.56 3.39
N LYS B 97 -19.89 1.89 3.63
CA LYS B 97 -20.51 1.79 4.99
C LYS B 97 -21.81 0.98 4.84
N TRP B 98 -22.01 0.08 5.80
CA TRP B 98 -23.27 -0.67 5.96
C TRP B 98 -23.37 -1.12 7.46
N ASP B 99 -24.58 -1.26 8.00
CA ASP B 99 -24.80 -1.53 9.47
C ASP B 99 -23.76 -1.10 10.46
N GLY B 100 -23.35 0.16 10.47
CA GLY B 100 -22.36 0.60 11.45
C GLY B 100 -20.94 0.18 11.20
N LYS B 101 -20.66 -0.53 10.09
CA LYS B 101 -19.35 -0.99 9.75
C LYS B 101 -18.73 -0.26 8.54
N GLU B 102 -17.44 -0.39 8.31
CA GLU B 102 -16.91 0.39 7.21
C GLU B 102 -15.72 -0.29 6.68
N THR B 103 -15.55 -0.29 5.36
CA THR B 103 -14.33 -0.71 4.65
C THR B 103 -13.95 0.39 3.63
N VAL B 104 -12.63 0.49 3.38
CA VAL B 104 -12.00 1.47 2.54
C VAL B 104 -11.24 0.66 1.50
N ILE B 105 -11.53 0.91 0.22
CA ILE B 105 -10.87 0.23 -0.93
C ILE B 105 -10.16 1.33 -1.74
N LYS B 106 -8.87 1.22 -1.91
CA LYS B 106 -8.07 2.19 -2.56
C LYS B 106 -7.60 1.53 -3.90
N ARG B 107 -7.75 2.25 -4.99
CA ARG B 107 -7.28 1.80 -6.37
C ARG B 107 -6.23 2.86 -6.94
N LYS B 108 -5.07 2.40 -7.31
CA LYS B 108 -3.96 3.22 -7.85
C LYS B 108 -3.38 2.52 -9.13
N VAL B 109 -3.15 3.26 -10.19
CA VAL B 109 -2.42 2.69 -11.36
C VAL B 109 -0.96 2.86 -11.25
N MET B 110 -0.23 1.75 -11.38
CA MET B 110 1.24 1.67 -11.26
C MET B 110 1.84 0.99 -12.56
N ASP B 111 2.31 1.79 -13.49
CA ASP B 111 2.93 1.28 -14.73
C ASP B 111 2.09 0.16 -15.38
N GLY B 112 0.87 0.40 -15.83
CA GLY B 112 0.11 -0.80 -16.27
C GLY B 112 -0.20 -1.92 -15.27
N ASN B 113 -0.13 -1.60 -13.96
CA ASN B 113 -0.81 -2.39 -12.93
C ASN B 113 -1.85 -1.57 -12.25
N LEU B 114 -3.02 -2.16 -12.03
CA LEU B 114 -4.03 -1.60 -11.14
C LEU B 114 -3.86 -2.32 -9.82
N VAL B 115 -3.53 -1.60 -8.74
CA VAL B 115 -3.33 -2.13 -7.43
C VAL B 115 -4.55 -1.67 -6.61
N VAL B 116 -5.32 -2.62 -6.12
CA VAL B 116 -6.45 -2.41 -5.25
C VAL B 116 -6.12 -2.90 -3.83
N GLU B 117 -6.22 -1.99 -2.89
CA GLU B 117 -5.94 -2.28 -1.48
C GLU B 117 -7.14 -2.10 -0.61
N CYS B 118 -7.57 -3.19 0.03
CA CYS B 118 -8.82 -3.16 0.78
C CYS B 118 -8.43 -3.41 2.23
N THR B 119 -9.03 -2.59 3.03
CA THR B 119 -8.73 -2.45 4.43
C THR B 119 -10.04 -2.42 5.20
N MET B 120 -10.23 -3.41 6.04
CA MET B 120 -11.24 -3.26 7.05
C MET B 120 -10.76 -3.59 8.46
N ASN B 121 -11.16 -2.80 9.42
CA ASN B 121 -10.54 -2.85 10.76
C ASN B 121 -9.06 -3.02 10.63
N THR B 122 -8.55 -4.18 10.95
CA THR B 122 -7.14 -4.23 10.91
C THR B 122 -6.53 -4.88 9.65
N VAL B 123 -7.38 -5.46 8.80
CA VAL B 123 -6.95 -6.42 7.86
C VAL B 123 -6.86 -5.70 6.49
N THR B 124 -5.81 -6.03 5.74
CA THR B 124 -5.62 -5.47 4.46
C THR B 124 -5.34 -6.55 3.51
N SER B 125 -5.92 -6.49 2.32
CA SER B 125 -5.39 -7.28 1.22
C SER B 125 -5.08 -6.47 -0.06
N LYS B 126 -4.25 -7.04 -0.91
CA LYS B 126 -3.78 -6.35 -2.08
C LYS B 126 -4.15 -7.28 -3.21
N ARG B 127 -4.79 -6.74 -4.25
CA ARG B 127 -4.93 -7.38 -5.51
C ARG B 127 -4.34 -6.56 -6.63
N VAL B 128 -3.74 -7.25 -7.60
CA VAL B 128 -3.02 -6.60 -8.67
C VAL B 128 -3.58 -7.17 -9.93
N TYR B 129 -4.01 -6.27 -10.79
CA TYR B 129 -4.36 -6.47 -12.13
C TYR B 129 -3.38 -5.94 -13.19
N GLU B 130 -3.38 -6.47 -14.39
CA GLU B 130 -2.49 -6.08 -15.39
C GLU B 130 -3.32 -5.54 -16.52
N ARG B 131 -2.80 -4.53 -17.16
CA ARG B 131 -3.56 -3.89 -18.20
C ARG B 131 -3.67 -4.95 -19.27
N ALA B 132 -4.89 -5.13 -19.72
CA ALA B 132 -5.25 -6.13 -20.66
C ALA B 132 -5.19 -5.35 -22.00
C1 EIC C . 13.06 -0.72 4.80
C2 EIC C . 14.11 0.32 5.13
C3 EIC C . 14.30 1.59 4.24
C4 EIC C . 14.86 1.21 2.90
C5 EIC C . 16.15 0.37 3.05
C6 EIC C . 16.77 -0.05 1.71
C7 EIC C . 17.67 0.91 0.96
C8 EIC C . 18.36 0.28 -0.25
C9 EIC C . 19.84 0.07 -0.14
C10 EIC C . 20.39 -0.42 0.96
C11 EIC C . 19.52 -0.79 2.15
C12 EIC C . 20.27 -1.68 3.10
C13 EIC C . 19.81 -2.86 3.58
C14 EIC C . 18.47 -3.57 3.36
C15 EIC C . 18.31 -4.39 4.62
C16 EIC C . 18.41 -3.37 5.76
C17 EIC C . 17.16 -2.45 5.78
C18 EIC C . 17.55 -0.97 5.82
O1 EIC C . 12.67 -1.22 5.83
O2 EIC C . 12.55 -1.09 3.69
C1 EIC D . -11.46 -5.83 -5.84
C2 EIC D . -12.03 -5.35 -4.52
C3 EIC D . -13.50 -4.90 -4.67
C4 EIC D . -14.34 -5.64 -3.65
C5 EIC D . -14.44 -7.15 -3.93
C6 EIC D . -15.66 -7.83 -3.29
C7 EIC D . -15.39 -8.28 -1.86
C8 EIC D . -16.51 -9.03 -1.10
C9 EIC D . -17.39 -9.91 -1.92
C10 EIC D . -16.95 -10.70 -2.90
C11 EIC D . -15.47 -10.85 -3.26
C12 EIC D . -15.16 -10.96 -4.76
C13 EIC D . -13.98 -11.51 -5.17
C14 EIC D . -13.43 -11.76 -6.56
C15 EIC D . -14.50 -11.47 -7.60
C16 EIC D . -14.97 -10.01 -7.67
C17 EIC D . -14.13 -8.92 -7.00
C18 EIC D . -13.03 -8.27 -7.86
O1 EIC D . -11.60 -5.16 -6.88
O2 EIC D . -10.86 -6.87 -5.86
#